data_1PJI
#
_entry.id   1PJI
#
_cell.length_a   91.955
_cell.length_b   91.955
_cell.length_c   142.076
_cell.angle_alpha   90.00
_cell.angle_beta   90.00
_cell.angle_gamma   90.00
#
_symmetry.space_group_name_H-M   'P 41 21 2'
#
loop_
_entity.id
_entity.type
_entity.pdbx_description
1 polymer "DNA (5'-D(*CP*TP*CP*TP*TP*TP*(PDI)P*TP*TP*TP*CP*TP*CP*G)-3')"
2 polymer "DNA (5'-D(*GP*CP*GP*AP*GP*AP*AP*AP*CP*AP*AP*AP*GP*A)-3')"
3 polymer 'Formamidopyrimidine-DNA glycosylase'
4 non-polymer 'ZINC ION'
5 non-polymer GLYCEROL
6 water water
#
loop_
_entity_poly.entity_id
_entity_poly.type
_entity_poly.pdbx_seq_one_letter_code
_entity_poly.pdbx_strand_id
1 'polydeoxyribonucleotide' (DC)(DT)(DC)(DT)(DT)(DT)(PDI)(DT)(DT)(DT)(DC)(DT)(DC)(DG) D
2 'polydeoxyribonucleotide' (DG)(DC)(DG)(DA)(DG)(DA)(DA)(DA)(DC)(DA)(DA)(DA)(DG)(DA) E
3 'polypeptide(L)'
;PELPEVETVRRELEKRIVGQKIISIEATYPRMVLTGFEQLKKELTGKTIQGISRRGKYLIFEIGDDFRLISHLRMEGKYR
LATLDAPREKHDHLTMKFADGQLIYADVRKFGTWELISTDQVLPYFLKKKIGPEPTYEDFDEKLFREKLRKSTKKIKPYL
LEQTLVAGLGNIYVDEVLWLAKIHPEKETNQLIESSIHLLHDSIIEILQKAIKLGGSSIRTYSALGSTGKMQNELQVYGK
TGEKCSRCGAEIQKIKVAGRGTHFCPVCQQK
;
A
#
loop_
_chem_comp.id
_chem_comp.type
_chem_comp.name
_chem_comp.formula
DA DNA linking 2'-DEOXYADENOSINE-5'-MONOPHOSPHATE 'C10 H14 N5 O6 P'
DC DNA linking 2'-DEOXYCYTIDINE-5'-MONOPHOSPHATE 'C9 H14 N3 O7 P'
DG DNA linking 2'-DEOXYGUANOSINE-5'-MONOPHOSPHATE 'C10 H14 N5 O7 P'
DT DNA linking THYMIDINE-5'-MONOPHOSPHATE 'C10 H15 N2 O8 P'
GOL non-polymer GLYCEROL 'C3 H8 O3'
PDI non-polymer 'PHOSPHORIC ACID MONO-(3-HYDROXY-PROPYL) ESTER' 'C3 H9 O5 P'
ZN non-polymer 'ZINC ION' 'Zn 2'
#
# COMPACT_ATOMS: atom_id res chain seq x y z
P PDI A 7 -0.39 -3.48 12.04
O1P PDI A 7 -0.91 -2.34 12.84
O2P PDI A 7 -1.11 -4.77 12.07
OA PDI A 7 -0.22 -3.06 10.51
CA PDI A 7 0.39 -1.84 10.14
CB PDI A 7 -0.05 -1.44 8.73
CG PDI A 7 0.03 -2.62 7.77
OG PDI A 7 -0.48 -2.26 6.49
N PRO C 1 3.53 -1.45 4.48
CA PRO C 1 3.33 -0.31 3.56
C PRO C 1 1.90 -0.25 3.02
N GLU C 2 1.31 0.93 3.07
CA GLU C 2 -0.04 1.13 2.57
C GLU C 2 0.10 1.96 1.29
N LEU C 3 -1.02 2.31 0.66
CA LEU C 3 -0.96 3.05 -0.59
C LEU C 3 -0.01 4.26 -0.60
N PRO C 4 -0.09 5.13 0.42
CA PRO C 4 0.79 6.30 0.45
C PRO C 4 2.29 5.97 0.40
N GLU C 5 2.69 4.95 1.16
CA GLU C 5 4.09 4.54 1.20
C GLU C 5 4.52 3.93 -0.14
N VAL C 6 3.64 3.15 -0.75
CA VAL C 6 3.95 2.52 -2.03
C VAL C 6 4.03 3.60 -3.12
N GLU C 7 3.13 4.59 -3.07
CA GLU C 7 3.18 5.65 -4.07
C GLU C 7 4.48 6.45 -3.94
N THR C 8 4.94 6.64 -2.71
CA THR C 8 6.19 7.36 -2.45
C THR C 8 7.36 6.61 -3.07
N VAL C 9 7.39 5.30 -2.87
CA VAL C 9 8.45 4.47 -3.44
C VAL C 9 8.35 4.54 -4.97
N ARG C 10 7.13 4.49 -5.50
CA ARG C 10 6.92 4.54 -6.95
C ARG C 10 7.52 5.81 -7.53
N ARG C 11 7.24 6.95 -6.91
CA ARG C 11 7.74 8.22 -7.38
C ARG C 11 9.26 8.30 -7.36
N GLU C 12 9.87 7.82 -6.28
CA GLU C 12 11.32 7.85 -6.19
C GLU C 12 11.97 6.98 -7.26
N LEU C 13 11.39 5.80 -7.49
CA LEU C 13 11.93 4.89 -8.52
C LEU C 13 11.74 5.48 -9.92
N GLU C 14 10.60 6.12 -10.15
CA GLU C 14 10.31 6.73 -11.44
C GLU C 14 11.36 7.79 -11.76
N LYS C 15 11.74 8.56 -10.74
CA LYS C 15 12.72 9.62 -10.92
C LYS C 15 14.16 9.11 -11.03
N ARG C 16 14.44 7.93 -10.48
CA ARG C 16 15.80 7.43 -10.51
C ARG C 16 16.21 6.27 -11.42
N ILE C 17 15.32 5.31 -11.68
CA ILE C 17 15.73 4.17 -12.50
C ILE C 17 15.14 4.07 -13.91
N VAL C 18 14.20 4.95 -14.26
CA VAL C 18 13.63 4.89 -15.59
C VAL C 18 14.71 5.21 -16.62
N GLY C 19 14.82 4.37 -17.64
CA GLY C 19 15.84 4.56 -18.66
C GLY C 19 17.07 3.71 -18.40
N GLN C 20 17.12 3.08 -17.22
CA GLN C 20 18.26 2.23 -16.86
C GLN C 20 18.15 0.83 -17.44
N LYS C 21 19.26 0.33 -17.95
CA LYS C 21 19.30 -1.00 -18.53
C LYS C 21 19.72 -2.00 -17.46
N ILE C 22 18.95 -3.07 -17.30
CA ILE C 22 19.26 -4.09 -16.31
C ILE C 22 20.45 -4.91 -16.80
N ILE C 23 21.55 -4.89 -16.05
CA ILE C 23 22.75 -5.63 -16.44
C ILE C 23 22.66 -7.08 -15.96
N SER C 24 22.24 -7.27 -14.72
CA SER C 24 22.09 -8.61 -14.18
C SER C 24 21.10 -8.59 -13.03
N ILE C 25 20.58 -9.76 -12.68
CA ILE C 25 19.62 -9.90 -11.59
C ILE C 25 20.08 -11.11 -10.79
N GLU C 26 20.15 -10.96 -9.47
CA GLU C 26 20.59 -12.05 -8.60
C GLU C 26 19.61 -12.21 -7.43
N ALA C 27 19.57 -13.41 -6.86
CA ALA C 27 18.68 -13.68 -5.74
C ALA C 27 19.29 -14.60 -4.71
N THR C 28 18.97 -14.36 -3.44
CA THR C 28 19.42 -15.23 -2.36
C THR C 28 18.14 -15.90 -1.87
N TYR C 29 17.00 -15.35 -2.30
CA TYR C 29 15.70 -15.91 -1.95
C TYR C 29 14.82 -15.95 -3.21
N PRO C 30 15.19 -16.80 -4.17
CA PRO C 30 14.44 -16.93 -5.43
C PRO C 30 12.96 -17.34 -5.31
N ARG C 31 12.59 -17.96 -4.20
N ARG C 31 12.58 -17.96 -4.19
CA ARG C 31 11.21 -18.39 -4.05
CA ARG C 31 11.19 -18.41 -3.98
C ARG C 31 10.16 -17.29 -3.93
C ARG C 31 10.15 -17.28 -3.94
N MET C 32 10.59 -16.05 -3.68
CA MET C 32 9.62 -14.96 -3.60
C MET C 32 9.16 -14.51 -5.00
N VAL C 33 9.80 -15.03 -6.04
CA VAL C 33 9.37 -14.70 -7.40
C VAL C 33 8.36 -15.79 -7.74
N LEU C 34 7.08 -15.48 -7.58
CA LEU C 34 6.01 -16.46 -7.81
C LEU C 34 5.89 -17.03 -9.22
N THR C 35 6.43 -16.32 -10.21
CA THR C 35 6.38 -16.80 -11.59
C THR C 35 7.67 -17.50 -12.00
N GLY C 36 8.58 -17.71 -11.05
CA GLY C 36 9.84 -18.38 -11.33
C GLY C 36 11.01 -17.43 -11.48
N PHE C 37 12.00 -17.54 -10.61
CA PHE C 37 13.15 -16.64 -10.67
C PHE C 37 14.05 -16.79 -11.90
N GLU C 38 14.46 -18.02 -12.21
CA GLU C 38 15.34 -18.22 -13.36
C GLU C 38 14.66 -17.73 -14.63
N GLN C 39 13.35 -17.89 -14.71
CA GLN C 39 12.61 -17.45 -15.88
C GLN C 39 12.65 -15.92 -15.95
N LEU C 40 12.47 -15.27 -14.80
CA LEU C 40 12.49 -13.82 -14.75
C LEU C 40 13.89 -13.30 -15.10
N LYS C 41 14.91 -13.95 -14.54
CA LYS C 41 16.29 -13.54 -14.81
C LYS C 41 16.60 -13.60 -16.31
N LYS C 42 16.13 -14.65 -16.97
CA LYS C 42 16.40 -14.79 -18.40
C LYS C 42 15.62 -13.78 -19.24
N GLU C 43 14.39 -13.49 -18.84
CA GLU C 43 13.54 -12.56 -19.57
C GLU C 43 13.92 -11.08 -19.43
N LEU C 44 14.26 -10.66 -18.22
CA LEU C 44 14.56 -9.25 -17.98
C LEU C 44 16.00 -8.79 -18.10
N THR C 45 16.96 -9.70 -18.04
CA THR C 45 18.35 -9.28 -18.16
C THR C 45 18.55 -8.63 -19.51
N GLY C 46 19.14 -7.43 -19.51
CA GLY C 46 19.39 -6.73 -20.75
C GLY C 46 18.28 -5.78 -21.16
N LYS C 47 17.14 -5.81 -20.46
CA LYS C 47 16.03 -4.92 -20.80
C LYS C 47 16.14 -3.59 -20.06
N THR C 48 15.47 -2.58 -20.59
CA THR C 48 15.51 -1.25 -19.99
C THR C 48 14.20 -0.92 -19.29
N ILE C 49 14.29 -0.26 -18.13
N ILE C 49 14.29 -0.27 -18.13
CA ILE C 49 13.10 0.11 -17.38
CA ILE C 49 13.09 0.11 -17.37
C ILE C 49 12.43 1.33 -18.03
C ILE C 49 12.44 1.32 -18.03
N GLN C 50 11.19 1.16 -18.46
CA GLN C 50 10.45 2.25 -19.12
C GLN C 50 9.61 3.11 -18.19
N GLY C 51 9.20 2.55 -17.06
CA GLY C 51 8.38 3.31 -16.14
C GLY C 51 8.00 2.52 -14.90
N ILE C 52 7.32 3.18 -13.98
CA ILE C 52 6.88 2.53 -12.75
C ILE C 52 5.46 2.99 -12.43
N SER C 53 4.53 2.05 -12.38
CA SER C 53 3.15 2.38 -12.06
C SER C 53 2.76 1.75 -10.73
N ARG C 54 1.50 1.94 -10.35
CA ARG C 54 0.98 1.39 -9.09
C ARG C 54 -0.52 1.18 -9.19
N ARG C 55 -0.99 0.12 -8.54
CA ARG C 55 -2.42 -0.18 -8.48
C ARG C 55 -2.64 -0.63 -7.05
N GLY C 56 -3.46 0.12 -6.30
CA GLY C 56 -3.66 -0.24 -4.90
C GLY C 56 -2.30 -0.21 -4.21
N LYS C 57 -1.97 -1.27 -3.47
CA LYS C 57 -0.68 -1.34 -2.78
C LYS C 57 0.37 -2.07 -3.63
N TYR C 58 0.03 -2.35 -4.88
CA TYR C 58 0.93 -3.04 -5.80
C TYR C 58 1.81 -2.13 -6.66
N LEU C 59 3.10 -2.44 -6.69
N LEU C 59 3.10 -2.41 -6.70
CA LEU C 59 4.05 -1.69 -7.52
CA LEU C 59 4.02 -1.64 -7.52
C LEU C 59 4.11 -2.40 -8.87
C LEU C 59 4.12 -2.38 -8.85
N ILE C 60 4.22 -1.63 -9.94
CA ILE C 60 4.30 -2.22 -11.28
C ILE C 60 5.48 -1.68 -12.08
N PHE C 61 6.51 -2.49 -12.26
CA PHE C 61 7.67 -2.08 -13.04
C PHE C 61 7.35 -2.35 -14.50
N GLU C 62 7.55 -1.36 -15.35
CA GLU C 62 7.30 -1.50 -16.78
C GLU C 62 8.68 -1.69 -17.39
N ILE C 63 8.99 -2.91 -17.79
CA ILE C 63 10.31 -3.24 -18.32
C ILE C 63 10.27 -3.79 -19.74
N GLY C 64 11.14 -3.25 -20.58
CA GLY C 64 11.16 -3.70 -21.96
C GLY C 64 9.89 -3.23 -22.63
N ASP C 65 9.50 -3.90 -23.71
CA ASP C 65 8.30 -3.52 -24.44
C ASP C 65 7.00 -4.08 -23.87
N ASP C 66 7.01 -5.36 -23.52
CA ASP C 66 5.80 -6.03 -23.04
C ASP C 66 5.90 -6.71 -21.68
N PHE C 67 6.85 -6.30 -20.83
CA PHE C 67 6.99 -6.92 -19.52
C PHE C 67 6.50 -6.04 -18.37
N ARG C 68 5.85 -6.68 -17.41
CA ARG C 68 5.35 -5.98 -16.24
C ARG C 68 5.71 -6.79 -15.00
N LEU C 69 6.52 -6.20 -14.13
CA LEU C 69 6.93 -6.88 -12.90
C LEU C 69 6.05 -6.35 -11.78
N ILE C 70 5.17 -7.21 -11.26
N ILE C 70 5.18 -7.21 -11.25
CA ILE C 70 4.26 -6.85 -10.17
CA ILE C 70 4.28 -6.83 -10.17
C ILE C 70 4.90 -7.16 -8.83
C ILE C 70 4.91 -7.16 -8.83
N SER C 71 5.15 -6.12 -8.04
CA SER C 71 5.77 -6.29 -6.73
C SER C 71 4.87 -5.85 -5.59
N HIS C 72 4.75 -6.70 -4.55
CA HIS C 72 3.95 -6.33 -3.39
C HIS C 72 4.90 -6.40 -2.20
N LEU C 73 4.94 -5.33 -1.41
N LEU C 73 4.94 -5.33 -1.41
CA LEU C 73 5.83 -5.23 -0.27
CA LEU C 73 5.83 -5.25 -0.25
C LEU C 73 5.27 -5.87 1.01
C LEU C 73 5.27 -5.89 1.01
N ARG C 74 3.98 -6.19 1.00
CA ARG C 74 3.32 -6.78 2.16
C ARG C 74 3.59 -5.97 3.43
N MET C 75 4.09 -6.63 4.48
CA MET C 75 4.33 -5.96 5.76
C MET C 75 5.68 -5.27 5.99
N GLU C 76 6.77 -5.87 5.53
CA GLU C 76 8.10 -5.32 5.79
C GLU C 76 8.98 -5.06 4.57
N GLY C 77 8.43 -5.20 3.38
CA GLY C 77 9.23 -4.99 2.18
C GLY C 77 9.86 -3.62 2.07
N LYS C 78 11.13 -3.58 1.68
CA LYS C 78 11.85 -2.31 1.52
C LYS C 78 12.82 -2.36 0.36
N TYR C 79 12.80 -1.30 -0.45
CA TYR C 79 13.70 -1.17 -1.59
C TYR C 79 14.74 -0.11 -1.27
N ARG C 80 15.94 -0.28 -1.81
CA ARG C 80 16.96 0.73 -1.63
C ARG C 80 17.85 0.71 -2.86
N LEU C 81 18.36 1.89 -3.22
CA LEU C 81 19.28 2.03 -4.36
C LEU C 81 20.66 2.13 -3.73
N ALA C 82 21.55 1.19 -4.07
CA ALA C 82 22.89 1.16 -3.51
C ALA C 82 23.98 1.09 -4.56
N THR C 83 25.22 1.27 -4.11
CA THR C 83 26.38 1.19 -5.01
C THR C 83 26.58 -0.29 -5.34
N LEU C 84 27.28 -0.55 -6.44
CA LEU C 84 27.51 -1.93 -6.86
C LEU C 84 28.39 -2.70 -5.87
N ASP C 85 29.17 -1.99 -5.06
CA ASP C 85 30.05 -2.65 -4.09
C ASP C 85 29.42 -2.68 -2.69
N ALA C 86 28.14 -2.35 -2.60
CA ALA C 86 27.45 -2.33 -1.30
C ALA C 86 27.46 -3.72 -0.67
N PRO C 87 27.75 -3.81 0.63
CA PRO C 87 27.78 -5.11 1.31
C PRO C 87 26.37 -5.67 1.47
N ARG C 88 26.26 -6.99 1.49
CA ARG C 88 24.97 -7.65 1.64
C ARG C 88 24.46 -7.46 3.07
N GLU C 89 23.16 -7.23 3.20
CA GLU C 89 22.55 -7.10 4.52
C GLU C 89 21.72 -8.36 4.74
N LYS C 90 21.60 -8.76 6.00
CA LYS C 90 20.90 -9.97 6.37
C LYS C 90 19.59 -10.31 5.68
N HIS C 91 18.71 -9.34 5.51
CA HIS C 91 17.41 -9.64 4.88
C HIS C 91 17.23 -9.25 3.42
N ASP C 92 18.34 -9.02 2.71
CA ASP C 92 18.29 -8.70 1.29
C ASP C 92 17.93 -10.00 0.57
N HIS C 93 17.03 -9.94 -0.40
CA HIS C 93 16.61 -11.15 -1.11
C HIS C 93 16.85 -11.10 -2.61
N LEU C 94 16.68 -9.94 -3.22
CA LEU C 94 16.84 -9.80 -4.66
C LEU C 94 17.54 -8.51 -5.00
N THR C 95 18.16 -8.47 -6.18
CA THR C 95 18.82 -7.27 -6.63
C THR C 95 18.84 -7.18 -8.15
N MET C 96 18.57 -5.97 -8.64
CA MET C 96 18.60 -5.66 -10.06
C MET C 96 19.83 -4.79 -10.19
N LYS C 97 20.83 -5.27 -10.90
CA LYS C 97 22.05 -4.48 -11.07
C LYS C 97 22.06 -3.67 -12.34
N PHE C 98 22.43 -2.40 -12.20
CA PHE C 98 22.52 -1.48 -13.32
C PHE C 98 23.99 -1.13 -13.49
N ALA C 99 24.29 -0.27 -14.45
CA ALA C 99 25.67 0.12 -14.72
C ALA C 99 26.31 0.90 -13.57
N ASP C 100 25.55 1.78 -12.93
CA ASP C 100 26.10 2.59 -11.85
C ASP C 100 25.40 2.44 -10.51
N GLY C 101 24.81 1.27 -10.28
CA GLY C 101 24.12 1.05 -9.02
C GLY C 101 23.20 -0.14 -9.09
N GLN C 102 22.57 -0.47 -7.97
CA GLN C 102 21.67 -1.61 -7.93
C GLN C 102 20.46 -1.36 -7.05
N LEU C 103 19.33 -1.96 -7.43
CA LEU C 103 18.09 -1.84 -6.68
C LEU C 103 17.98 -3.14 -5.90
N ILE C 104 17.96 -3.03 -4.58
CA ILE C 104 17.90 -4.20 -3.70
C ILE C 104 16.59 -4.28 -2.94
N TYR C 105 16.00 -5.47 -2.94
CA TYR C 105 14.76 -5.69 -2.21
C TYR C 105 15.04 -6.50 -0.95
N ALA C 106 14.60 -6.00 0.20
CA ALA C 106 14.79 -6.68 1.47
C ALA C 106 13.43 -6.84 2.14
N ASP C 107 13.26 -7.92 2.90
CA ASP C 107 11.98 -8.18 3.55
C ASP C 107 12.24 -9.14 4.70
N VAL C 108 12.25 -8.62 5.93
CA VAL C 108 12.51 -9.44 7.11
C VAL C 108 11.61 -10.67 7.20
N ARG C 109 10.31 -10.47 7.06
CA ARG C 109 9.36 -11.58 7.19
C ARG C 109 9.19 -12.46 5.94
N LYS C 110 9.80 -12.05 4.84
CA LYS C 110 9.72 -12.79 3.58
C LYS C 110 8.29 -12.93 3.04
N PHE C 111 7.44 -11.94 3.26
CA PHE C 111 6.07 -12.01 2.75
C PHE C 111 5.94 -11.43 1.35
N GLY C 112 6.78 -10.44 1.05
CA GLY C 112 6.75 -9.78 -0.26
C GLY C 112 6.85 -10.70 -1.45
N THR C 113 6.28 -10.27 -2.58
CA THR C 113 6.25 -11.08 -3.79
C THR C 113 6.56 -10.34 -5.08
N TRP C 114 7.08 -11.08 -6.05
CA TRP C 114 7.39 -10.57 -7.39
C TRP C 114 6.68 -11.51 -8.36
N GLU C 115 6.06 -10.94 -9.38
CA GLU C 115 5.38 -11.73 -10.42
C GLU C 115 5.60 -11.05 -11.77
N LEU C 116 6.14 -11.81 -12.71
CA LEU C 116 6.40 -11.27 -14.04
C LEU C 116 5.27 -11.68 -14.96
N ILE C 117 4.58 -10.70 -15.53
CA ILE C 117 3.49 -10.98 -16.43
C ILE C 117 3.55 -10.05 -17.65
N SER C 118 2.68 -10.28 -18.61
CA SER C 118 2.66 -9.49 -19.84
C SER C 118 1.85 -8.20 -19.71
N THR C 119 2.17 -7.23 -20.54
CA THR C 119 1.46 -5.95 -20.53
C THR C 119 -0.06 -6.13 -20.63
N ASP C 120 -0.52 -6.99 -21.54
CA ASP C 120 -1.96 -7.18 -21.69
C ASP C 120 -2.60 -7.98 -20.58
N GLN C 121 -1.78 -8.55 -19.69
CA GLN C 121 -2.30 -9.35 -18.59
C GLN C 121 -2.46 -8.54 -17.29
N VAL C 122 -2.00 -7.31 -17.28
CA VAL C 122 -2.09 -6.46 -16.08
C VAL C 122 -3.52 -6.19 -15.64
N LEU C 123 -4.37 -5.68 -16.54
CA LEU C 123 -5.74 -5.42 -16.16
C LEU C 123 -6.46 -6.69 -15.67
N PRO C 124 -6.31 -7.81 -16.39
CA PRO C 124 -6.96 -9.05 -15.95
C PRO C 124 -6.46 -9.49 -14.57
N TYR C 125 -5.16 -9.34 -14.34
CA TYR C 125 -4.54 -9.70 -13.05
C TYR C 125 -5.25 -9.00 -11.90
N PHE C 126 -5.44 -7.70 -12.02
CA PHE C 126 -6.09 -6.96 -10.95
C PHE C 126 -7.59 -7.20 -10.87
N LEU C 127 -8.21 -7.56 -11.99
CA LEU C 127 -9.63 -7.86 -11.95
C LEU C 127 -9.79 -9.14 -11.14
N LYS C 128 -8.88 -10.08 -11.33
CA LYS C 128 -8.92 -11.35 -10.60
C LYS C 128 -8.69 -11.10 -9.10
N LYS C 129 -7.85 -10.11 -8.78
CA LYS C 129 -7.57 -9.76 -7.39
C LYS C 129 -8.78 -9.05 -6.77
N LYS C 130 -9.68 -8.58 -7.62
CA LYS C 130 -10.89 -7.88 -7.17
C LYS C 130 -10.62 -6.56 -6.46
N ILE C 131 -9.52 -5.91 -6.84
CA ILE C 131 -9.14 -4.64 -6.25
C ILE C 131 -10.16 -3.56 -6.62
N GLY C 132 -10.56 -2.77 -5.63
CA GLY C 132 -11.52 -1.72 -5.87
C GLY C 132 -10.91 -0.48 -6.50
N PRO C 133 -11.67 0.61 -6.61
CA PRO C 133 -11.17 1.85 -7.22
C PRO C 133 -10.08 2.58 -6.46
N GLU C 134 -9.23 3.29 -7.19
CA GLU C 134 -8.17 4.10 -6.58
C GLU C 134 -8.89 5.16 -5.76
N PRO C 135 -8.28 5.59 -4.64
CA PRO C 135 -8.87 6.61 -3.76
C PRO C 135 -8.74 8.05 -4.27
N THR C 136 -9.42 8.35 -5.38
CA THR C 136 -9.39 9.70 -5.94
C THR C 136 -10.83 10.10 -6.26
N TYR C 137 -11.08 11.40 -6.31
CA TYR C 137 -12.42 11.87 -6.60
C TYR C 137 -12.87 11.37 -7.96
N GLU C 138 -11.92 11.24 -8.89
CA GLU C 138 -12.23 10.78 -10.24
C GLU C 138 -12.64 9.31 -10.31
N ASP C 139 -11.92 8.42 -9.60
CA ASP C 139 -12.23 7.00 -9.66
C ASP C 139 -13.13 6.43 -8.56
N PHE C 140 -13.10 7.04 -7.37
CA PHE C 140 -13.89 6.55 -6.23
C PHE C 140 -15.30 7.15 -6.27
N ASP C 141 -16.24 6.40 -6.85
CA ASP C 141 -17.63 6.83 -6.97
C ASP C 141 -18.42 6.62 -5.67
N GLU C 142 -18.84 7.71 -5.05
CA GLU C 142 -19.60 7.63 -3.80
C GLU C 142 -20.91 6.87 -3.94
N LYS C 143 -21.56 6.95 -5.10
CA LYS C 143 -22.83 6.27 -5.30
C LYS C 143 -22.72 4.75 -5.16
N LEU C 144 -21.76 4.14 -5.85
CA LEU C 144 -21.58 2.70 -5.74
C LEU C 144 -21.14 2.37 -4.31
N PHE C 145 -20.22 3.17 -3.80
CA PHE C 145 -19.72 2.99 -2.43
C PHE C 145 -20.91 2.89 -1.48
N ARG C 146 -21.80 3.88 -1.55
CA ARG C 146 -22.97 3.90 -0.68
C ARG C 146 -23.87 2.67 -0.84
N GLU C 147 -24.10 2.25 -2.07
CA GLU C 147 -24.94 1.08 -2.31
C GLU C 147 -24.34 -0.20 -1.76
N LYS C 148 -23.03 -0.37 -1.88
CA LYS C 148 -22.39 -1.56 -1.35
C LYS C 148 -22.47 -1.59 0.18
N LEU C 149 -22.35 -0.41 0.80
CA LEU C 149 -22.41 -0.34 2.27
C LEU C 149 -23.82 -0.63 2.78
N ARG C 150 -24.82 -0.12 2.06
CA ARG C 150 -26.21 -0.31 2.45
C ARG C 150 -26.70 -1.76 2.35
N LYS C 151 -26.10 -2.56 1.48
CA LYS C 151 -26.48 -3.97 1.28
C LYS C 151 -25.79 -4.88 2.26
N SER C 152 -24.75 -4.38 2.93
CA SER C 152 -23.97 -5.24 3.83
C SER C 152 -24.13 -5.15 5.34
N THR C 153 -23.80 -6.25 6.02
N THR C 153 -23.81 -6.25 6.01
CA THR C 153 -23.89 -6.32 7.48
CA THR C 153 -23.89 -6.32 7.47
C THR C 153 -22.50 -6.44 8.08
C THR C 153 -22.49 -6.45 8.07
N LYS C 154 -21.48 -6.37 7.21
CA LYS C 154 -20.09 -6.45 7.66
C LYS C 154 -19.74 -5.22 8.48
N LYS C 155 -18.73 -5.35 9.35
CA LYS C 155 -18.27 -4.23 10.16
C LYS C 155 -17.44 -3.35 9.23
N ILE C 156 -17.56 -2.04 9.37
CA ILE C 156 -16.88 -1.10 8.50
C ILE C 156 -15.35 -1.25 8.41
N LYS C 157 -14.65 -1.43 9.52
CA LYS C 157 -13.20 -1.55 9.41
C LYS C 157 -12.75 -2.76 8.58
N PRO C 158 -13.22 -3.97 8.94
CA PRO C 158 -12.83 -5.15 8.17
C PRO C 158 -13.22 -5.02 6.69
N TYR C 159 -14.39 -4.44 6.43
CA TYR C 159 -14.84 -4.29 5.05
C TYR C 159 -13.90 -3.37 4.27
N LEU C 160 -13.53 -2.24 4.86
CA LEU C 160 -12.62 -1.32 4.18
C LEU C 160 -11.26 -1.97 3.91
N LEU C 161 -10.82 -2.84 4.82
CA LEU C 161 -9.53 -3.50 4.65
C LEU C 161 -9.53 -4.54 3.52
N GLU C 162 -10.72 -4.95 3.06
CA GLU C 162 -10.82 -5.94 1.99
C GLU C 162 -10.29 -5.45 0.64
N GLN C 163 -10.11 -4.13 0.51
CA GLN C 163 -9.60 -3.51 -0.72
C GLN C 163 -10.63 -3.49 -1.86
N THR C 164 -11.83 -3.98 -1.59
CA THR C 164 -12.88 -4.04 -2.61
C THR C 164 -13.73 -2.79 -2.75
N LEU C 165 -13.97 -2.09 -1.65
CA LEU C 165 -14.77 -0.85 -1.67
C LEU C 165 -13.94 0.29 -2.24
N VAL C 166 -12.65 0.24 -1.94
CA VAL C 166 -11.67 1.23 -2.39
C VAL C 166 -10.31 0.61 -2.11
N ALA C 167 -9.33 0.87 -2.96
CA ALA C 167 -8.01 0.28 -2.78
C ALA C 167 -7.01 1.16 -2.05
N GLY C 168 -6.11 0.53 -1.29
CA GLY C 168 -5.07 1.28 -0.61
C GLY C 168 -5.04 1.41 0.90
N LEU C 169 -6.16 1.18 1.57
CA LEU C 169 -6.19 1.32 3.03
C LEU C 169 -5.58 0.12 3.75
N GLY C 170 -4.76 0.43 4.75
CA GLY C 170 -4.13 -0.60 5.57
C GLY C 170 -4.57 -0.33 6.99
N ASN C 171 -3.97 -1.01 7.97
CA ASN C 171 -4.39 -0.81 9.35
C ASN C 171 -4.20 0.62 9.87
N ILE C 172 -3.13 1.27 9.45
CA ILE C 172 -2.89 2.64 9.90
C ILE C 172 -3.90 3.64 9.38
N TYR C 173 -4.03 3.73 8.05
CA TYR C 173 -4.96 4.70 7.51
C TYR C 173 -6.44 4.39 7.71
N VAL C 174 -6.79 3.12 7.88
CA VAL C 174 -8.20 2.81 8.10
C VAL C 174 -8.60 3.37 9.49
N ASP C 175 -7.69 3.25 10.45
CA ASP C 175 -7.96 3.77 11.80
C ASP C 175 -8.02 5.30 11.73
N GLU C 176 -7.11 5.91 10.98
CA GLU C 176 -7.09 7.36 10.85
C GLU C 176 -8.33 7.88 10.14
N VAL C 177 -8.79 7.16 9.11
CA VAL C 177 -9.96 7.57 8.35
C VAL C 177 -11.24 7.49 9.18
N LEU C 178 -11.39 6.39 9.92
CA LEU C 178 -12.58 6.23 10.74
C LEU C 178 -12.64 7.27 11.86
N TRP C 179 -11.48 7.65 12.40
CA TRP C 179 -11.45 8.65 13.45
C TRP C 179 -11.83 10.00 12.84
N LEU C 180 -11.30 10.28 11.65
CA LEU C 180 -11.61 11.55 11.00
C LEU C 180 -13.10 11.65 10.67
N ALA C 181 -13.69 10.54 10.21
CA ALA C 181 -15.10 10.52 9.86
C ALA C 181 -16.02 10.23 11.05
N LYS C 182 -15.44 10.07 12.23
CA LYS C 182 -16.21 9.82 13.45
C LYS C 182 -17.10 8.58 13.37
N ILE C 183 -16.52 7.49 12.89
CA ILE C 183 -17.23 6.23 12.76
C ILE C 183 -16.51 5.16 13.57
N HIS C 184 -17.24 4.40 14.37
CA HIS C 184 -16.65 3.33 15.18
C HIS C 184 -16.33 2.17 14.25
N PRO C 185 -15.13 1.58 14.38
CA PRO C 185 -14.68 0.45 13.55
C PRO C 185 -15.57 -0.78 13.50
N GLU C 186 -16.40 -0.98 14.53
CA GLU C 186 -17.27 -2.14 14.54
C GLU C 186 -18.68 -1.87 14.00
N LYS C 187 -18.93 -0.64 13.60
CA LYS C 187 -20.24 -0.26 13.06
C LYS C 187 -20.58 -1.10 11.82
N GLU C 188 -21.75 -1.73 11.81
CA GLU C 188 -22.15 -2.52 10.64
C GLU C 188 -22.46 -1.48 9.56
N THR C 189 -21.92 -1.69 8.36
CA THR C 189 -22.09 -0.72 7.28
C THR C 189 -23.52 -0.32 6.90
N ASN C 190 -24.48 -1.23 7.01
CA ASN C 190 -25.85 -0.88 6.64
C ASN C 190 -26.52 0.08 7.62
N GLN C 191 -25.81 0.41 8.71
CA GLN C 191 -26.36 1.33 9.69
C GLN C 191 -25.84 2.76 9.48
N LEU C 192 -24.93 2.92 8.52
CA LEU C 192 -24.37 4.23 8.23
C LEU C 192 -25.36 5.06 7.41
N ILE C 193 -25.61 6.28 7.84
CA ILE C 193 -26.53 7.14 7.11
C ILE C 193 -25.79 7.84 5.98
N GLU C 194 -26.55 8.43 5.06
CA GLU C 194 -25.99 9.10 3.90
C GLU C 194 -24.91 10.15 4.22
N SER C 195 -25.16 11.02 5.19
CA SER C 195 -24.18 12.05 5.54
C SER C 195 -22.88 11.46 6.08
N SER C 196 -22.99 10.36 6.82
N SER C 196 -22.99 10.37 6.83
CA SER C 196 -21.80 9.72 7.39
CA SER C 196 -21.80 9.73 7.38
C SER C 196 -21.01 9.05 6.27
C SER C 196 -21.00 9.05 6.27
N ILE C 197 -21.71 8.42 5.33
CA ILE C 197 -21.05 7.75 4.21
C ILE C 197 -20.34 8.79 3.37
N HIS C 198 -20.96 9.96 3.22
CA HIS C 198 -20.35 11.03 2.46
C HIS C 198 -19.08 11.54 3.13
N LEU C 199 -19.13 11.68 4.46
CA LEU C 199 -17.96 12.14 5.21
C LEU C 199 -16.85 11.11 5.09
N LEU C 200 -17.23 9.84 5.17
CA LEU C 200 -16.26 8.74 5.06
C LEU C 200 -15.58 8.74 3.70
N HIS C 201 -16.38 8.83 2.65
CA HIS C 201 -15.86 8.85 1.28
C HIS C 201 -14.80 9.93 1.11
N ASP C 202 -15.13 11.17 1.50
CA ASP C 202 -14.19 12.26 1.37
C ASP C 202 -12.96 12.12 2.28
N SER C 203 -13.15 11.57 3.47
CA SER C 203 -12.05 11.40 4.41
C SER C 203 -11.03 10.40 3.89
N ILE C 204 -11.51 9.34 3.25
CA ILE C 204 -10.62 8.33 2.68
C ILE C 204 -9.72 9.00 1.63
N ILE C 205 -10.31 9.78 0.76
CA ILE C 205 -9.56 10.48 -0.27
C ILE C 205 -8.61 11.52 0.32
N GLU C 206 -9.11 12.33 1.25
CA GLU C 206 -8.28 13.37 1.85
C GLU C 206 -7.11 12.83 2.65
N ILE C 207 -7.36 11.85 3.52
CA ILE C 207 -6.29 11.26 4.31
C ILE C 207 -5.18 10.67 3.43
N LEU C 208 -5.57 9.84 2.47
CA LEU C 208 -4.59 9.21 1.60
C LEU C 208 -3.83 10.21 0.73
N GLN C 209 -4.52 11.21 0.19
CA GLN C 209 -3.85 12.19 -0.64
C GLN C 209 -2.90 13.04 0.20
N LYS C 210 -3.29 13.30 1.45
CA LYS C 210 -2.43 14.07 2.36
C LYS C 210 -1.19 13.24 2.69
N ALA C 211 -1.39 11.94 2.92
CA ALA C 211 -0.28 11.05 3.24
C ALA C 211 0.70 10.99 2.07
N ILE C 212 0.17 10.94 0.85
CA ILE C 212 1.02 10.89 -0.34
C ILE C 212 1.85 12.17 -0.41
N LYS C 213 1.18 13.30 -0.24
CA LYS C 213 1.84 14.60 -0.29
C LYS C 213 2.99 14.66 0.73
N LEU C 214 2.79 14.05 1.90
CA LEU C 214 3.80 14.07 2.95
C LEU C 214 4.81 12.91 2.89
N GLY C 215 4.80 12.17 1.79
CA GLY C 215 5.75 11.07 1.64
C GLY C 215 5.52 9.85 2.50
N GLY C 216 4.27 9.65 2.94
CA GLY C 216 3.93 8.49 3.75
C GLY C 216 4.41 8.56 5.19
N SER C 217 4.15 7.50 5.94
CA SER C 217 4.56 7.42 7.33
C SER C 217 5.81 6.54 7.43
N SER C 218 6.94 7.14 7.80
CA SER C 218 8.19 6.39 7.93
C SER C 218 8.49 6.06 9.38
N SER C 223 19.55 5.59 3.16
CA SER C 223 19.50 4.71 1.99
C SER C 223 18.35 3.70 2.14
N ALA C 224 17.15 4.16 1.84
CA ALA C 224 15.94 3.35 1.90
C ALA C 224 14.79 4.17 1.33
N LEU C 225 14.34 3.80 0.13
CA LEU C 225 13.26 4.52 -0.54
C LEU C 225 12.00 4.65 0.31
N GLY C 226 11.45 5.87 0.33
CA GLY C 226 10.24 6.14 1.09
C GLY C 226 10.46 6.24 2.59
N SER C 227 11.63 6.69 3.01
CA SER C 227 11.93 6.82 4.43
C SER C 227 11.96 8.28 4.90
N THR C 228 11.64 9.19 3.98
CA THR C 228 11.63 10.62 4.28
C THR C 228 10.23 11.10 4.65
N GLY C 229 9.35 10.15 4.97
CA GLY C 229 7.97 10.46 5.32
C GLY C 229 7.78 11.39 6.50
N LYS C 230 6.68 12.14 6.47
CA LYS C 230 6.34 13.08 7.53
C LYS C 230 4.90 12.91 8.00
N MET C 231 4.19 11.96 7.41
CA MET C 231 2.80 11.69 7.77
C MET C 231 2.68 11.12 9.18
N GLN C 232 3.72 10.45 9.66
CA GLN C 232 3.65 9.87 11.00
C GLN C 232 3.43 10.93 12.07
N ASN C 233 3.87 12.15 11.79
CA ASN C 233 3.70 13.25 12.75
C ASN C 233 2.29 13.84 12.65
N GLU C 234 1.47 13.28 11.76
CA GLU C 234 0.11 13.77 11.57
C GLU C 234 -0.95 12.78 12.03
N LEU C 235 -0.50 11.59 12.46
CA LEU C 235 -1.41 10.55 12.92
C LEU C 235 -2.17 10.98 14.18
N GLN C 236 -3.47 10.76 14.16
CA GLN C 236 -4.32 11.14 15.29
C GLN C 236 -4.68 10.01 16.25
N VAL C 237 -4.65 8.76 15.78
CA VAL C 237 -5.01 7.64 16.64
C VAL C 237 -4.15 6.38 16.56
N TYR C 238 -3.70 6.01 15.35
CA TYR C 238 -2.90 4.79 15.23
C TYR C 238 -1.70 4.80 16.19
N GLY C 239 -1.59 3.78 17.02
CA GLY C 239 -0.50 3.69 17.97
C GLY C 239 -0.47 4.80 19.01
N LYS C 240 -1.61 5.45 19.22
CA LYS C 240 -1.69 6.54 20.20
C LYS C 240 -2.43 6.12 21.47
N THR C 241 -2.51 4.83 21.70
CA THR C 241 -3.18 4.29 22.87
C THR C 241 -2.76 5.05 24.13
N GLY C 242 -3.74 5.39 24.97
CA GLY C 242 -3.43 6.11 26.20
C GLY C 242 -3.31 7.61 26.06
N GLU C 243 -3.10 8.09 24.84
CA GLU C 243 -2.98 9.53 24.62
C GLU C 243 -4.36 10.17 24.49
N LYS C 244 -4.40 11.49 24.59
CA LYS C 244 -5.68 12.21 24.52
C LYS C 244 -6.06 12.64 23.11
N CYS C 245 -7.32 12.37 22.75
CA CYS C 245 -7.83 12.75 21.44
C CYS C 245 -7.69 14.25 21.24
N SER C 246 -7.23 14.64 20.05
CA SER C 246 -7.03 16.06 19.73
C SER C 246 -8.31 16.86 19.57
N ARG C 247 -9.46 16.17 19.52
CA ARG C 247 -10.73 16.86 19.37
C ARG C 247 -11.53 16.99 20.67
N CYS C 248 -11.55 15.93 21.47
CA CYS C 248 -12.34 15.97 22.70
C CYS C 248 -11.58 15.75 24.01
N GLY C 249 -10.34 15.27 23.93
CA GLY C 249 -9.56 15.04 25.13
C GLY C 249 -9.68 13.67 25.76
N ALA C 250 -10.59 12.84 25.26
CA ALA C 250 -10.74 11.49 25.80
C ALA C 250 -9.53 10.66 25.42
N GLU C 251 -9.22 9.63 26.20
CA GLU C 251 -8.08 8.77 25.90
C GLU C 251 -8.36 7.78 24.77
N ILE C 252 -7.44 7.70 23.83
CA ILE C 252 -7.57 6.78 22.72
C ILE C 252 -7.46 5.36 23.27
N GLN C 253 -8.38 4.49 22.87
N GLN C 253 -8.43 4.50 22.93
CA GLN C 253 -8.36 3.12 23.34
CA GLN C 253 -8.43 3.11 23.38
C GLN C 253 -7.92 2.21 22.21
C GLN C 253 -7.97 2.20 22.23
N LYS C 254 -7.53 0.99 22.56
CA LYS C 254 -7.10 0.03 21.55
C LYS C 254 -7.82 -1.28 21.79
N ILE C 255 -8.46 -1.80 20.76
CA ILE C 255 -9.17 -3.07 20.88
C ILE C 255 -8.79 -3.94 19.69
N LYS C 256 -9.36 -5.14 19.64
CA LYS C 256 -9.11 -6.05 18.55
C LYS C 256 -10.37 -6.17 17.71
N VAL C 257 -10.23 -6.00 16.40
CA VAL C 257 -11.37 -6.12 15.51
C VAL C 257 -10.99 -7.01 14.34
N ALA C 258 -11.65 -8.16 14.25
CA ALA C 258 -11.37 -9.13 13.20
C ALA C 258 -9.87 -9.48 13.19
N GLY C 259 -9.31 -9.60 14.40
CA GLY C 259 -7.91 -9.94 14.54
C GLY C 259 -6.89 -8.81 14.35
N ARG C 260 -7.35 -7.59 14.09
CA ARG C 260 -6.41 -6.48 13.88
C ARG C 260 -6.43 -5.45 15.02
N GLY C 261 -5.26 -4.92 15.33
CA GLY C 261 -5.16 -3.90 16.36
C GLY C 261 -5.94 -2.70 15.87
N THR C 262 -6.80 -2.16 16.74
CA THR C 262 -7.65 -1.04 16.34
C THR C 262 -7.65 0.12 17.35
N HIS C 263 -7.28 1.30 16.88
CA HIS C 263 -7.21 2.49 17.72
C HIS C 263 -8.35 3.45 17.41
N PHE C 264 -9.01 3.95 18.45
CA PHE C 264 -10.14 4.84 18.24
C PHE C 264 -10.46 5.67 19.48
N CYS C 265 -11.18 6.78 19.28
CA CYS C 265 -11.62 7.63 20.37
C CYS C 265 -13.06 7.24 20.70
N PRO C 266 -13.31 6.76 21.92
CA PRO C 266 -14.62 6.32 22.40
C PRO C 266 -15.71 7.40 22.36
N VAL C 267 -15.30 8.66 22.39
CA VAL C 267 -16.25 9.77 22.36
C VAL C 267 -16.60 10.20 20.93
N CYS C 268 -15.58 10.46 20.12
CA CYS C 268 -15.78 10.89 18.74
C CYS C 268 -16.34 9.77 17.86
N GLN C 269 -16.06 8.53 18.23
CA GLN C 269 -16.52 7.37 17.47
C GLN C 269 -17.47 6.51 18.29
N GLN C 270 -18.72 6.97 18.38
CA GLN C 270 -19.75 6.29 19.15
C GLN C 270 -20.10 4.92 18.58
N LYS C 271 -20.06 3.91 19.44
CA LYS C 271 -20.37 2.55 19.02
C LYS C 271 -21.88 2.44 18.77
ZN ZN D . -12.35 12.30 20.61
C1 GOL E . 0.41 -10.25 -3.31
O1 GOL E . 1.57 -10.66 -2.59
C2 GOL E . -0.24 -11.39 -4.06
O2 GOL E . -0.40 -12.53 -3.20
C3 GOL E . 0.60 -11.75 -5.27
O3 GOL E . 0.04 -12.83 -6.02
C1 GOL F . 1.00 -15.94 -2.62
O1 GOL F . 0.05 -15.22 -3.40
C2 GOL F . 0.47 -16.28 -1.24
O2 GOL F . 0.05 -15.10 -0.55
C3 GOL F . 1.57 -17.01 -0.47
O3 GOL F . 1.15 -17.36 0.84
C1 GOL G . 21.41 4.07 -8.45
O1 GOL G . 20.61 5.12 -7.91
C2 GOL G . 21.31 4.01 -9.95
O2 GOL G . 20.10 4.67 -10.36
C3 GOL G . 21.30 2.57 -10.37
O3 GOL G . 21.21 2.44 -11.77
C1 GOL H . -3.28 -10.91 10.33
C1 GOL H . -2.66 -10.77 11.89
O1 GOL H . -4.39 -10.58 9.52
O1 GOL H . -3.78 -11.54 11.48
C2 GOL H . -3.65 -11.16 11.78
C2 GOL H . -2.67 -10.42 13.37
O2 GOL H . -4.91 -10.57 12.10
O2 GOL H . -3.94 -10.70 13.94
C3 GOL H . -2.54 -10.61 12.67
C3 GOL H . -2.30 -8.97 13.54
O3 GOL H . -2.82 -10.81 14.06
O3 GOL H . -2.28 -8.56 14.90
#